data_5YLI
#
_entry.id   5YLI
#
_cell.length_a   55.142
_cell.length_b   69.612
_cell.length_c   188.752
_cell.angle_alpha   90.00
_cell.angle_beta   90.00
_cell.angle_gamma   90.00
#
_symmetry.space_group_name_H-M   'P 21 21 21'
#
loop_
_entity.id
_entity.type
_entity.pdbx_description
1 polymer beta-1,4-mannanas
2 branched beta-D-mannopyranose-(1-4)-beta-D-mannopyranose-(1-4)-beta-D-mannopyranose-(1-4)-beta-D-mannopyranose
3 water water
#
_entity_poly.entity_id   1
_entity_poly.type   'polypeptide(L)'
_entity_poly.pdbx_seq_one_letter_code
;MEFIKGFTFGWDSQKGYFKTERAKESLRLMQERTASEYVIVALAALQDTAHSTEVDFQGSHMVDDDELIELIDYAKSLGL
KVILKPTVNCRNGTWRAHINFFDMDIPGEPTWDEWFESYINYQKHYAKIAEKTNCEMFVVGCEMVQAERREDKWRELIAE
VRKDYRGLVTYNTDKYQEDNVKFWDALDVISSSGYYPINDWDRQLDRIEAVVKQYDKPFFFVAAGCPSRSGSALLPNKWD
LEGAINLQEQADYYQVMFEKTASRSWVGGFGLWDWQTYLYDEKDATKNDDYGVFGKPAERVIKAYYQSR
;
_entity_poly.pdbx_strand_id   B,A
#
# COMPACT_ATOMS: atom_id res chain seq x y z
N MET A 1 -21.47 10.13 29.03
CA MET A 1 -22.16 10.18 27.76
C MET A 1 -23.27 9.13 27.72
N GLU A 2 -24.41 9.48 27.14
CA GLU A 2 -25.53 8.56 27.11
C GLU A 2 -25.23 7.37 26.21
N PHE A 3 -25.93 6.26 26.47
CA PHE A 3 -25.79 5.08 25.64
C PHE A 3 -26.26 5.40 24.22
N ILE A 4 -25.37 5.22 23.25
CA ILE A 4 -25.66 5.53 21.85
C ILE A 4 -26.32 4.31 21.22
N LYS A 5 -27.63 4.41 20.96
CA LYS A 5 -28.37 3.40 20.21
C LYS A 5 -28.38 3.83 18.75
N GLY A 6 -27.36 3.39 18.01
CA GLY A 6 -27.18 3.93 16.68
C GLY A 6 -27.14 2.90 15.57
N PHE A 7 -27.36 3.37 14.36
CA PHE A 7 -27.32 2.53 13.18
C PHE A 7 -26.70 3.35 12.06
N THR A 8 -25.83 2.71 11.27
CA THR A 8 -25.17 3.37 10.15
C THR A 8 -26.11 3.42 8.95
N PHE A 9 -26.20 4.59 8.32
CA PHE A 9 -27.05 4.79 7.16
C PHE A 9 -26.24 5.46 6.05
N GLY A 10 -26.60 5.14 4.81
CA GLY A 10 -26.12 5.87 3.66
C GLY A 10 -24.84 5.40 3.02
N TRP A 11 -24.29 4.25 3.44
CA TRP A 11 -23.01 3.82 2.89
C TRP A 11 -23.10 3.54 1.40
N ASP A 12 -24.29 3.21 0.90
CA ASP A 12 -24.50 2.90 -0.51
C ASP A 12 -24.76 4.14 -1.36
N SER A 13 -24.74 5.33 -0.78
CA SER A 13 -25.30 6.46 -1.49
C SER A 13 -24.32 7.04 -2.52
N GLN A 14 -24.89 7.67 -3.53
CA GLN A 14 -24.14 8.45 -4.52
C GLN A 14 -24.88 9.76 -4.77
N LYS A 15 -24.32 10.58 -5.65
CA LYS A 15 -24.97 11.82 -6.03
C LYS A 15 -26.39 11.54 -6.46
N GLY A 16 -27.35 12.20 -5.78
CA GLY A 16 -28.75 12.08 -6.09
C GLY A 16 -29.55 11.21 -5.13
N TYR A 17 -28.90 10.28 -4.43
CA TYR A 17 -29.65 9.32 -3.63
C TYR A 17 -30.44 10.00 -2.51
N PHE A 18 -29.88 11.05 -1.92
CA PHE A 18 -30.49 11.61 -0.72
C PHE A 18 -31.64 12.57 -1.01
N LYS A 19 -31.90 12.87 -2.29
CA LYS A 19 -33.10 13.63 -2.64
C LYS A 19 -34.32 12.72 -2.71
N THR A 20 -34.21 11.60 -3.42
CA THR A 20 -35.28 10.62 -3.60
C THR A 20 -36.04 10.32 -2.31
N GLU A 21 -37.33 9.98 -2.42
CA GLU A 21 -38.10 9.64 -1.22
C GLU A 21 -37.90 8.21 -0.76
N ARG A 22 -37.32 7.34 -1.59
CA ARG A 22 -36.92 6.02 -1.10
C ARG A 22 -35.96 6.16 0.07
N ALA A 23 -35.04 7.13 -0.01
CA ALA A 23 -34.09 7.36 1.06
C ALA A 23 -34.78 7.76 2.36
N LYS A 24 -35.74 8.68 2.27
CA LYS A 24 -36.46 9.09 3.47
C LYS A 24 -37.27 7.94 4.06
N GLU A 25 -37.76 7.06 3.20
CA GLU A 25 -38.53 5.91 3.64
C GLU A 25 -37.63 4.95 4.40
N SER A 26 -36.52 4.57 3.78
CA SER A 26 -35.55 3.68 4.42
C SER A 26 -35.17 4.17 5.81
N LEU A 27 -34.95 5.48 5.95
CA LEU A 27 -34.55 6.05 7.23
C LEU A 27 -35.64 5.87 8.28
N ARG A 28 -36.91 6.02 7.89
CA ARG A 28 -38.01 5.83 8.84
C ARG A 28 -38.18 4.36 9.21
N LEU A 29 -38.13 3.46 8.21
CA LEU A 29 -38.07 2.03 8.50
C LEU A 29 -36.96 1.72 9.51
N MET A 30 -35.75 2.26 9.28
CA MET A 30 -34.64 1.99 10.17
C MET A 30 -34.98 2.37 11.60
N GLN A 31 -35.46 3.60 11.79
CA GLN A 31 -35.80 4.05 13.14
C GLN A 31 -36.91 3.20 13.76
N GLU A 32 -37.92 2.87 12.97
CA GLU A 32 -39.08 2.15 13.51
C GLU A 32 -38.70 0.71 13.87
N ARG A 33 -37.97 0.01 13.00
CA ARG A 33 -37.73 -1.41 13.20
C ARG A 33 -36.61 -1.70 14.19
N THR A 34 -35.67 -0.75 14.41
CA THR A 34 -34.55 -1.00 15.31
C THR A 34 -34.60 -0.17 16.58
N ALA A 35 -35.42 0.88 16.63
CA ALA A 35 -35.46 1.82 17.77
C ALA A 35 -34.14 2.58 17.93
N SER A 36 -33.41 2.80 16.83
CA SER A 36 -32.20 3.60 16.90
C SER A 36 -32.54 5.05 17.28
N GLU A 37 -31.75 5.61 18.20
CA GLU A 37 -31.82 7.03 18.51
C GLU A 37 -30.67 7.83 17.90
N TYR A 38 -29.77 7.18 17.16
CA TYR A 38 -28.68 7.86 16.47
C TYR A 38 -28.55 7.26 15.08
N VAL A 39 -28.29 8.11 14.09
CA VAL A 39 -27.92 7.66 12.75
C VAL A 39 -26.48 8.12 12.48
N ILE A 40 -25.67 7.19 11.98
CA ILE A 40 -24.28 7.45 11.63
C ILE A 40 -24.27 7.52 10.10
N VAL A 41 -24.13 8.74 9.58
CA VAL A 41 -24.09 8.97 8.14
C VAL A 41 -22.66 8.68 7.68
N ALA A 42 -22.44 7.53 7.06
CA ALA A 42 -21.10 7.12 6.63
C ALA A 42 -20.95 7.43 5.13
N LEU A 43 -20.05 8.34 4.82
CA LEU A 43 -19.75 8.74 3.46
C LEU A 43 -18.30 8.43 3.16
N ALA A 44 -17.96 8.41 1.88
CA ALA A 44 -16.62 8.04 1.47
C ALA A 44 -16.22 8.86 0.27
N ALA A 45 -15.12 9.58 0.38
CA ALA A 45 -14.47 10.17 -0.76
C ALA A 45 -13.65 9.09 -1.47
N LEU A 46 -12.96 9.47 -2.55
CA LEU A 46 -12.14 8.53 -3.30
C LEU A 46 -10.75 9.11 -3.55
N GLN A 47 -9.74 8.25 -3.43
CA GLN A 47 -8.44 8.51 -4.02
C GLN A 47 -8.10 7.34 -4.94
N ASP A 48 -7.20 7.57 -5.90
CA ASP A 48 -6.93 6.57 -6.92
C ASP A 48 -6.43 5.27 -6.31
N THR A 49 -5.41 5.36 -5.48
CA THR A 49 -4.74 4.22 -4.89
C THR A 49 -4.46 4.52 -3.42
N ALA A 50 -3.96 3.51 -2.73
CA ALA A 50 -3.56 3.70 -1.35
C ALA A 50 -2.33 4.59 -1.23
N HIS A 51 -1.68 4.94 -2.36
CA HIS A 51 -0.49 5.78 -2.33
C HIS A 51 -0.63 7.03 -3.19
N SER A 52 -1.87 7.52 -3.34
CA SER A 52 -2.15 8.81 -3.97
C SER A 52 -2.42 9.86 -2.91
N THR A 53 -2.35 11.12 -3.34
CA THR A 53 -2.44 12.23 -2.41
C THR A 53 -3.67 13.10 -2.62
N GLU A 54 -4.48 12.86 -3.64
CA GLU A 54 -5.66 13.67 -3.92
C GLU A 54 -6.92 12.94 -3.45
N VAL A 55 -7.63 13.55 -2.51
CA VAL A 55 -8.89 13.02 -1.99
C VAL A 55 -10.04 13.78 -2.64
N ASP A 56 -10.95 13.05 -3.29
CA ASP A 56 -11.95 13.61 -4.19
C ASP A 56 -13.33 13.42 -3.58
N PHE A 57 -13.98 14.53 -3.22
CA PHE A 57 -15.32 14.46 -2.64
C PHE A 57 -16.35 15.24 -3.45
N GLN A 58 -16.04 15.60 -4.70
CA GLN A 58 -16.97 16.32 -5.56
C GLN A 58 -17.56 15.47 -6.68
N GLY A 59 -16.83 14.43 -7.12
CA GLY A 59 -17.38 13.44 -8.03
C GLY A 59 -18.67 12.79 -7.55
N SER A 60 -19.33 12.04 -8.44
CA SER A 60 -20.70 11.57 -8.22
C SER A 60 -20.81 10.37 -7.28
N HIS A 61 -19.69 9.76 -6.88
CA HIS A 61 -19.73 8.78 -5.80
C HIS A 61 -20.20 9.39 -4.48
N MET A 62 -20.12 10.72 -4.34
CA MET A 62 -20.40 11.44 -3.11
C MET A 62 -21.67 12.26 -3.26
N VAL A 63 -22.54 12.22 -2.25
CA VAL A 63 -23.74 13.05 -2.26
C VAL A 63 -23.33 14.53 -2.26
N ASP A 64 -24.17 15.36 -2.89
CA ASP A 64 -23.93 16.79 -2.89
C ASP A 64 -24.26 17.38 -1.52
N ASP A 65 -23.64 18.54 -1.24
CA ASP A 65 -23.82 19.16 0.08
C ASP A 65 -25.30 19.40 0.39
N ASP A 66 -26.09 19.78 -0.62
CA ASP A 66 -27.47 20.18 -0.37
C ASP A 66 -28.32 18.99 0.04
N GLU A 67 -28.22 17.87 -0.70
CA GLU A 67 -28.99 16.68 -0.32
C GLU A 67 -28.48 16.07 0.98
N LEU A 68 -27.19 16.21 1.27
CA LEU A 68 -26.71 15.76 2.58
C LEU A 68 -27.32 16.59 3.70
N ILE A 69 -27.24 17.92 3.59
CA ILE A 69 -27.87 18.78 4.59
C ILE A 69 -29.34 18.46 4.74
N GLU A 70 -30.03 18.23 3.62
CA GLU A 70 -31.45 17.89 3.70
C GLU A 70 -31.64 16.57 4.44
N LEU A 71 -30.89 15.54 4.07
CA LEU A 71 -31.05 14.24 4.73
C LEU A 71 -30.82 14.37 6.23
N ILE A 72 -29.82 15.16 6.64
CA ILE A 72 -29.53 15.32 8.07
C ILE A 72 -30.69 16.02 8.76
N ASP A 73 -31.17 17.12 8.17
CA ASP A 73 -32.31 17.84 8.72
C ASP A 73 -33.50 16.91 8.88
N TYR A 74 -33.79 16.14 7.83
CA TYR A 74 -34.91 15.22 7.89
C TYR A 74 -34.73 14.20 9.01
N ALA A 75 -33.50 13.70 9.18
CA ALA A 75 -33.23 12.78 10.27
C ALA A 75 -33.54 13.43 11.61
N LYS A 76 -33.04 14.64 11.83
CA LYS A 76 -33.30 15.30 13.10
C LYS A 76 -34.78 15.61 13.28
N SER A 77 -35.51 15.89 12.19
CA SER A 77 -36.94 16.08 12.26
C SER A 77 -37.68 14.83 12.73
N LEU A 78 -37.03 13.66 12.69
CA LEU A 78 -37.63 12.40 13.15
C LEU A 78 -37.23 12.03 14.57
N GLY A 79 -36.56 12.94 15.28
CA GLY A 79 -36.07 12.64 16.60
C GLY A 79 -34.72 11.94 16.65
N LEU A 80 -34.04 11.80 15.51
CA LEU A 80 -32.74 11.15 15.47
C LEU A 80 -31.61 12.15 15.61
N LYS A 81 -30.62 11.81 16.43
CA LYS A 81 -29.35 12.51 16.47
C LYS A 81 -28.42 11.97 15.37
N VAL A 82 -27.42 12.78 15.01
CA VAL A 82 -26.64 12.52 13.80
C VAL A 82 -25.14 12.53 14.12
N ILE A 83 -24.47 11.43 13.81
CA ILE A 83 -23.02 11.36 13.78
C ILE A 83 -22.61 11.37 12.32
N LEU A 84 -21.72 12.28 11.94
CA LEU A 84 -21.25 12.38 10.57
C LEU A 84 -19.86 11.77 10.46
N LYS A 85 -19.68 10.88 9.49
CA LYS A 85 -18.48 10.05 9.38
C LYS A 85 -17.99 10.07 7.94
N PRO A 86 -17.19 11.06 7.57
CA PRO A 86 -16.61 11.04 6.22
C PRO A 86 -15.26 10.33 6.22
N THR A 87 -15.18 9.19 5.52
CA THR A 87 -13.92 8.48 5.36
C THR A 87 -13.57 8.44 3.87
N VAL A 88 -12.71 7.51 3.46
CA VAL A 88 -12.19 7.51 2.09
C VAL A 88 -11.99 6.07 1.60
N ASN A 89 -12.26 5.87 0.32
CA ASN A 89 -12.01 4.62 -0.37
C ASN A 89 -10.95 4.84 -1.44
N CYS A 90 -10.48 3.75 -2.00
CA CYS A 90 -9.54 3.76 -3.11
C CYS A 90 -10.23 3.25 -4.37
N ARG A 91 -9.95 3.89 -5.52
CA ARG A 91 -10.58 3.47 -6.75
C ARG A 91 -10.09 2.11 -7.24
N ASN A 92 -8.90 1.70 -6.84
CA ASN A 92 -8.41 0.39 -7.24
C ASN A 92 -8.80 -0.71 -6.27
N GLY A 93 -9.69 -0.43 -5.33
CA GLY A 93 -10.20 -1.42 -4.42
C GLY A 93 -9.47 -1.56 -3.09
N THR A 94 -8.23 -1.05 -2.96
CA THR A 94 -7.45 -1.28 -1.76
C THR A 94 -8.12 -0.71 -0.51
N TRP A 95 -8.19 -1.53 0.54
CA TRP A 95 -8.71 -1.11 1.83
C TRP A 95 -7.95 0.11 2.36
N ARG A 96 -8.69 1.10 2.86
CA ARG A 96 -8.06 2.36 3.31
C ARG A 96 -7.02 2.12 4.39
N ALA A 97 -7.18 1.06 5.19
CA ALA A 97 -6.17 0.67 6.19
C ALA A 97 -4.76 0.57 5.61
N HIS A 98 -4.61 0.41 4.28
CA HIS A 98 -3.29 0.32 3.68
C HIS A 98 -2.77 1.66 3.18
N ILE A 99 -3.60 2.71 3.22
CA ILE A 99 -3.11 4.03 2.79
C ILE A 99 -1.86 4.37 3.58
N ASN A 100 -0.78 4.66 2.85
CA ASN A 100 0.55 4.73 3.43
C ASN A 100 1.49 5.47 2.50
N PHE A 101 2.51 6.08 3.09
CA PHE A 101 3.58 6.76 2.37
C PHE A 101 4.87 6.49 3.13
N PHE A 102 6.00 6.74 2.48
CA PHE A 102 7.30 6.57 3.15
C PHE A 102 7.35 7.43 4.41
N ASP A 103 8.18 7.02 5.37
CA ASP A 103 8.38 7.83 6.57
C ASP A 103 9.09 9.14 6.22
N MET A 104 10.17 9.05 5.46
CA MET A 104 10.93 10.17 4.94
C MET A 104 10.21 10.79 3.74
N ASP A 105 10.48 12.07 3.50
CA ASP A 105 10.07 12.72 2.26
C ASP A 105 11.16 12.48 1.22
N ILE A 106 10.80 11.91 0.08
CA ILE A 106 11.73 11.49 -0.96
C ILE A 106 11.47 12.31 -2.22
N PRO A 107 12.47 12.90 -2.85
CA PRO A 107 12.23 13.76 -4.02
C PRO A 107 11.44 13.05 -5.11
N GLY A 108 10.34 13.68 -5.53
CA GLY A 108 9.46 13.12 -6.54
C GLY A 108 8.45 12.09 -6.06
N GLU A 109 8.55 11.62 -4.79
CA GLU A 109 7.59 10.64 -4.30
C GLU A 109 6.46 11.33 -3.55
N PRO A 110 5.26 10.75 -3.52
CA PRO A 110 4.19 11.33 -2.70
C PRO A 110 4.57 11.30 -1.21
N THR A 111 4.02 12.25 -0.46
CA THR A 111 4.38 12.41 0.95
C THR A 111 3.16 12.47 1.85
N TRP A 112 3.39 12.14 3.12
CA TRP A 112 2.36 12.27 4.14
C TRP A 112 1.75 13.67 4.17
N ASP A 113 2.58 14.72 4.10
CA ASP A 113 2.08 16.10 4.14
C ASP A 113 1.15 16.40 2.98
N GLU A 114 1.47 15.90 1.78
CA GLU A 114 0.57 16.10 0.64
C GLU A 114 -0.77 15.40 0.85
N TRP A 115 -0.75 14.15 1.34
CA TRP A 115 -2.00 13.44 1.59
C TRP A 115 -2.83 14.13 2.66
N PHE A 116 -2.22 14.35 3.83
CA PHE A 116 -2.94 14.99 4.93
C PHE A 116 -3.47 16.36 4.52
N GLU A 117 -2.75 17.11 3.69
CA GLU A 117 -3.29 18.38 3.22
C GLU A 117 -4.59 18.17 2.46
N SER A 118 -4.60 17.24 1.48
CA SER A 118 -5.84 16.96 0.78
C SER A 118 -6.89 16.38 1.74
N TYR A 119 -6.47 15.51 2.66
CA TYR A 119 -7.45 14.88 3.56
C TYR A 119 -7.97 15.86 4.59
N ILE A 120 -7.10 16.73 5.12
CA ILE A 120 -7.56 17.78 6.03
C ILE A 120 -8.62 18.65 5.34
N ASN A 121 -8.35 19.10 4.11
CA ASN A 121 -9.29 19.96 3.40
C ASN A 121 -10.63 19.27 3.20
N TYR A 122 -10.60 17.98 2.89
CA TYR A 122 -11.83 17.22 2.78
C TYR A 122 -12.59 17.19 4.11
N GLN A 123 -11.88 16.87 5.20
CA GLN A 123 -12.53 16.82 6.51
C GLN A 123 -13.13 18.16 6.90
N LYS A 124 -12.41 19.26 6.65
CA LYS A 124 -12.89 20.57 7.06
C LYS A 124 -14.18 20.93 6.34
N HIS A 125 -14.28 20.57 5.05
CA HIS A 125 -15.50 20.84 4.30
C HIS A 125 -16.71 20.20 4.97
N TYR A 126 -16.55 18.95 5.45
CA TYR A 126 -17.68 18.28 6.06
C TYR A 126 -17.84 18.64 7.52
N ALA A 127 -16.76 19.06 8.19
CA ALA A 127 -16.90 19.58 9.54
C ALA A 127 -17.72 20.87 9.57
N LYS A 128 -17.61 21.71 8.52
CA LYS A 128 -18.48 22.88 8.38
C LYS A 128 -19.95 22.48 8.26
N ILE A 129 -20.23 21.42 7.47
CA ILE A 129 -21.59 20.89 7.34
C ILE A 129 -22.09 20.33 8.68
N ALA A 130 -21.22 19.65 9.42
CA ALA A 130 -21.63 19.11 10.72
C ALA A 130 -22.00 20.23 11.68
N GLU A 131 -21.27 21.35 11.62
CA GLU A 131 -21.53 22.50 12.47
C GLU A 131 -22.85 23.17 12.12
N LYS A 132 -23.06 23.46 10.84
CA LYS A 132 -24.28 24.13 10.40
C LYS A 132 -25.52 23.28 10.68
N THR A 133 -25.44 21.95 10.60
CA THR A 133 -26.58 21.09 10.89
C THR A 133 -26.62 20.61 12.33
N ASN A 134 -25.69 21.06 13.19
CA ASN A 134 -25.70 20.74 14.61
C ASN A 134 -25.60 19.23 14.86
N CYS A 135 -24.73 18.55 14.11
CA CYS A 135 -24.52 17.13 14.35
C CYS A 135 -23.92 16.91 15.73
N GLU A 136 -24.29 15.80 16.37
CA GLU A 136 -23.82 15.55 17.73
C GLU A 136 -22.37 15.12 17.75
N MET A 137 -21.92 14.35 16.76
CA MET A 137 -20.56 13.83 16.75
C MET A 137 -20.04 13.81 15.33
N PHE A 138 -18.71 13.94 15.20
CA PHE A 138 -18.01 13.94 13.92
C PHE A 138 -16.78 13.05 13.99
N VAL A 139 -16.64 12.14 13.01
CA VAL A 139 -15.66 11.05 13.01
C VAL A 139 -14.57 11.40 12.00
N VAL A 140 -13.38 11.79 12.47
CA VAL A 140 -12.38 12.34 11.56
C VAL A 140 -11.64 11.27 10.75
N GLY A 141 -11.83 10.01 11.04
CA GLY A 141 -11.10 8.96 10.35
C GLY A 141 -11.67 7.62 10.71
N CYS A 142 -11.40 6.64 9.86
CA CYS A 142 -12.01 5.32 9.98
C CYS A 142 -11.03 4.26 9.49
N GLU A 143 -10.58 3.41 10.41
CA GLU A 143 -9.75 2.24 10.13
C GLU A 143 -8.47 2.61 9.36
N MET A 144 -7.87 3.74 9.69
CA MET A 144 -6.67 4.17 8.99
C MET A 144 -5.41 3.59 9.64
N VAL A 145 -5.34 2.25 9.63
CA VAL A 145 -4.42 1.49 10.47
C VAL A 145 -2.98 1.94 10.25
N GLN A 146 -2.54 1.99 8.99
CA GLN A 146 -1.16 2.32 8.68
C GLN A 146 -0.87 3.81 8.74
N ALA A 147 -1.90 4.66 8.79
CA ALA A 147 -1.70 6.09 8.95
C ALA A 147 -1.68 6.52 10.41
N GLU A 148 -2.13 5.65 11.32
CA GLU A 148 -2.31 6.04 12.71
C GLU A 148 -1.00 6.38 13.41
N ARG A 149 0.14 5.85 12.93
CA ARG A 149 1.43 6.21 13.52
C ARG A 149 1.80 7.68 13.31
N ARG A 150 1.17 8.37 12.36
CA ARG A 150 1.53 9.76 12.04
C ARG A 150 0.83 10.73 13.00
N GLU A 151 1.21 10.61 14.27
CA GLU A 151 0.43 11.21 15.35
C GLU A 151 0.30 12.72 15.19
N ASP A 152 1.41 13.40 14.91
CA ASP A 152 1.36 14.85 14.85
C ASP A 152 0.42 15.32 13.75
N LYS A 153 0.30 14.56 12.65
CA LYS A 153 -0.62 14.95 11.59
C LYS A 153 -2.07 14.74 12.01
N TRP A 154 -2.37 13.62 12.67
CA TRP A 154 -3.71 13.48 13.20
C TRP A 154 -4.05 14.60 14.19
N ARG A 155 -3.09 15.00 15.05
CA ARG A 155 -3.34 16.10 16.00
C ARG A 155 -3.55 17.42 15.26
N GLU A 156 -2.77 17.65 14.22
CA GLU A 156 -3.00 18.81 13.35
C GLU A 156 -4.39 18.76 12.70
N LEU A 157 -4.79 17.59 12.20
CA LEU A 157 -6.11 17.47 11.59
C LEU A 157 -7.22 17.73 12.61
N ILE A 158 -7.09 17.18 13.82
CA ILE A 158 -8.15 17.34 14.81
C ILE A 158 -8.30 18.80 15.19
N ALA A 159 -7.17 19.51 15.37
CA ALA A 159 -7.22 20.94 15.62
C ALA A 159 -7.93 21.67 14.47
N GLU A 160 -7.59 21.34 13.22
CA GLU A 160 -8.26 21.98 12.10
C GLU A 160 -9.76 21.72 12.12
N VAL A 161 -10.17 20.52 12.54
CA VAL A 161 -11.61 20.21 12.60
C VAL A 161 -12.30 21.04 13.67
N ARG A 162 -11.69 21.15 14.85
CA ARG A 162 -12.26 21.96 15.93
C ARG A 162 -12.42 23.41 15.53
N LYS A 163 -11.61 23.92 14.60
CA LYS A 163 -11.82 25.29 14.14
C LYS A 163 -13.16 25.44 13.45
N ASP A 164 -13.67 24.37 12.81
CA ASP A 164 -14.96 24.45 12.12
C ASP A 164 -16.13 23.90 12.90
N TYR A 165 -15.90 23.04 13.90
CA TYR A 165 -16.98 22.24 14.49
C TYR A 165 -16.78 22.15 15.99
N ARG A 166 -17.81 22.51 16.74
CA ARG A 166 -17.71 22.62 18.19
C ARG A 166 -18.32 21.43 18.94
N GLY A 167 -18.77 20.39 18.23
CA GLY A 167 -19.37 19.23 18.86
C GLY A 167 -18.35 18.14 19.20
N LEU A 168 -18.87 16.97 19.53
CA LEU A 168 -18.04 15.83 19.91
C LEU A 168 -17.22 15.32 18.72
N VAL A 169 -15.96 15.01 18.98
CA VAL A 169 -15.02 14.59 17.93
C VAL A 169 -14.39 13.28 18.35
N THR A 170 -14.43 12.28 17.45
CA THR A 170 -13.81 10.99 17.71
C THR A 170 -13.05 10.54 16.47
N TYR A 171 -12.36 9.41 16.62
CA TYR A 171 -11.69 8.74 15.52
C TYR A 171 -12.01 7.25 15.64
N ASN A 172 -12.24 6.60 14.49
CA ASN A 172 -12.71 5.22 14.40
C ASN A 172 -11.53 4.32 14.05
N THR A 173 -11.02 3.61 15.05
CA THR A 173 -9.90 2.73 14.75
C THR A 173 -10.42 1.37 14.30
N ASP A 174 -9.53 0.57 13.71
CA ASP A 174 -9.97 -0.76 13.28
C ASP A 174 -9.93 -1.75 14.44
N LYS A 175 -10.54 -2.92 14.21
CA LYS A 175 -10.54 -4.01 15.17
C LYS A 175 -9.12 -4.34 15.61
N TYR A 176 -8.98 -4.62 16.92
CA TYR A 176 -7.71 -4.94 17.58
C TYR A 176 -6.69 -3.79 17.60
N GLN A 177 -7.02 -2.62 17.04
CA GLN A 177 -6.08 -1.52 16.96
C GLN A 177 -6.31 -0.41 17.99
N GLU A 178 -7.16 -0.65 19.00
CA GLU A 178 -7.56 0.43 19.90
C GLU A 178 -6.37 1.10 20.58
N ASP A 179 -5.31 0.34 20.89
CA ASP A 179 -4.09 0.92 21.46
C ASP A 179 -3.08 1.35 20.41
N ASN A 180 -3.38 1.19 19.12
CA ASN A 180 -2.50 1.67 18.07
C ASN A 180 -2.54 3.18 17.93
N VAL A 181 -3.61 3.82 18.39
CA VAL A 181 -3.75 5.27 18.35
C VAL A 181 -3.18 5.87 19.64
N LYS A 182 -2.27 6.84 19.49
CA LYS A 182 -1.66 7.52 20.63
C LYS A 182 -2.14 8.97 20.75
N PHE A 183 -3.21 9.36 20.07
CA PHE A 183 -3.69 10.73 20.14
C PHE A 183 -5.11 10.80 20.68
N TRP A 184 -5.48 9.80 21.51
CA TRP A 184 -6.82 9.77 22.08
C TRP A 184 -7.07 10.97 22.98
N ASP A 185 -6.02 11.47 23.64
CA ASP A 185 -6.20 12.61 24.53
C ASP A 185 -6.78 13.81 23.80
N ALA A 186 -6.53 13.93 22.49
CA ALA A 186 -6.99 15.04 21.68
C ALA A 186 -8.42 14.89 21.19
N LEU A 187 -9.08 13.75 21.41
CA LEU A 187 -10.46 13.54 21.01
C LEU A 187 -11.38 13.54 22.23
N ASP A 188 -12.68 13.57 21.96
CA ASP A 188 -13.70 13.52 23.01
C ASP A 188 -14.19 12.12 23.28
N VAL A 189 -14.15 11.24 22.29
CA VAL A 189 -14.68 9.88 22.41
C VAL A 189 -13.71 8.93 21.73
N ILE A 190 -13.52 7.75 22.31
CA ILE A 190 -12.74 6.67 21.71
C ILE A 190 -13.70 5.69 21.06
N SER A 191 -13.39 5.31 19.81
CA SER A 191 -14.29 4.40 19.10
C SER A 191 -13.48 3.50 18.18
N SER A 192 -14.07 2.35 17.89
CA SER A 192 -13.40 1.34 17.07
C SER A 192 -14.45 0.58 16.27
N SER A 193 -13.98 -0.09 15.23
CA SER A 193 -14.80 -1.03 14.45
C SER A 193 -14.78 -2.35 15.20
N GLY A 194 -15.81 -2.56 16.05
CA GLY A 194 -15.83 -3.74 16.91
C GLY A 194 -16.20 -5.05 16.24
N TYR A 195 -15.48 -5.46 15.20
CA TYR A 195 -15.83 -6.68 14.46
C TYR A 195 -15.16 -7.89 15.12
N TYR A 196 -15.66 -8.21 16.32
CA TYR A 196 -14.97 -9.29 17.03
C TYR A 196 -15.71 -10.62 16.88
N PRO A 197 -14.99 -11.73 16.96
CA PRO A 197 -15.65 -13.05 16.82
C PRO A 197 -16.67 -13.32 17.91
N ILE A 198 -17.67 -14.13 17.56
CA ILE A 198 -18.74 -14.48 18.50
C ILE A 198 -18.19 -15.20 19.75
N ASN A 199 -17.05 -15.88 19.64
CA ASN A 199 -16.51 -16.68 20.73
C ASN A 199 -15.24 -16.08 21.33
N ASP A 200 -15.03 -14.76 21.21
CA ASP A 200 -13.81 -14.16 21.73
C ASP A 200 -14.07 -12.81 22.37
N TRP A 201 -15.31 -12.52 22.75
CA TRP A 201 -15.63 -11.21 23.27
C TRP A 201 -14.91 -10.92 24.59
N ASP A 202 -14.81 -11.94 25.46
CA ASP A 202 -14.26 -11.73 26.80
C ASP A 202 -12.82 -11.26 26.75
N ARG A 203 -11.96 -12.01 26.07
CA ARG A 203 -10.59 -11.58 25.92
C ARG A 203 -10.51 -10.20 25.29
N GLN A 204 -11.33 -9.94 24.26
CA GLN A 204 -11.23 -8.67 23.54
C GLN A 204 -11.75 -7.51 24.37
N LEU A 205 -12.88 -7.71 25.04
CA LEU A 205 -13.41 -6.64 25.88
C LEU A 205 -12.46 -6.33 27.04
N ASP A 206 -11.81 -7.35 27.62
CA ASP A 206 -10.86 -7.07 28.69
C ASP A 206 -9.65 -6.29 28.17
N ARG A 207 -9.15 -6.61 26.98
CA ARG A 207 -8.05 -5.83 26.42
C ARG A 207 -8.46 -4.37 26.21
N ILE A 208 -9.64 -4.14 25.64
CA ILE A 208 -10.07 -2.77 25.30
C ILE A 208 -10.32 -1.96 26.56
N GLU A 209 -10.92 -2.60 27.58
CA GLU A 209 -11.10 -1.93 28.86
C GLU A 209 -9.82 -1.28 29.35
N ALA A 210 -8.74 -2.05 29.46
CA ALA A 210 -7.49 -1.49 29.95
C ALA A 210 -6.99 -0.35 29.07
N VAL A 211 -7.28 -0.39 27.76
CA VAL A 211 -6.85 0.72 26.92
C VAL A 211 -7.68 1.96 27.22
N VAL A 212 -8.98 1.80 27.44
CA VAL A 212 -9.84 2.95 27.68
C VAL A 212 -9.49 3.63 29.00
N LYS A 213 -9.23 2.83 30.05
CA LYS A 213 -8.88 3.38 31.36
C LYS A 213 -7.55 4.15 31.36
N GLN A 214 -6.75 4.08 30.30
CA GLN A 214 -5.60 4.96 30.23
C GLN A 214 -5.98 6.36 29.77
N TYR A 215 -7.25 6.60 29.52
CA TYR A 215 -7.66 7.88 28.99
C TYR A 215 -8.90 8.37 29.72
N ASP A 216 -9.25 9.59 29.37
CA ASP A 216 -10.27 10.44 29.95
C ASP A 216 -11.68 10.15 29.42
N LYS A 217 -11.89 9.10 28.61
CA LYS A 217 -12.93 9.26 27.60
C LYS A 217 -13.96 8.15 27.57
N PRO A 218 -15.20 8.48 27.22
CA PRO A 218 -16.17 7.45 26.87
C PRO A 218 -15.77 6.71 25.61
N PHE A 219 -16.35 5.53 25.44
CA PHE A 219 -16.00 4.62 24.37
C PHE A 219 -17.28 4.06 23.77
N PHE A 220 -17.29 3.87 22.44
CA PHE A 220 -18.35 3.06 21.83
C PHE A 220 -17.87 2.46 20.52
N PHE A 221 -18.58 1.43 20.08
CA PHE A 221 -18.33 0.77 18.81
C PHE A 221 -19.10 1.53 17.73
N VAL A 222 -18.45 2.54 17.16
CA VAL A 222 -19.03 3.35 16.10
C VAL A 222 -19.40 2.51 14.89
N ALA A 223 -18.77 1.34 14.75
CA ALA A 223 -19.22 0.33 13.79
C ALA A 223 -19.18 -1.02 14.46
N ALA A 224 -20.21 -1.83 14.19
CA ALA A 224 -20.25 -3.25 14.52
C ALA A 224 -21.39 -3.88 13.73
N GLY A 225 -21.24 -5.15 13.42
CA GLY A 225 -22.30 -5.86 12.72
C GLY A 225 -21.81 -7.18 12.19
N CYS A 226 -22.61 -7.75 11.31
CA CYS A 226 -22.45 -9.14 10.89
C CYS A 226 -23.37 -9.45 9.72
N PRO A 227 -22.82 -9.94 8.61
CA PRO A 227 -23.68 -10.43 7.53
C PRO A 227 -24.45 -11.67 7.96
N SER A 228 -25.60 -11.88 7.30
CA SER A 228 -26.43 -13.06 7.52
C SER A 228 -25.91 -14.16 6.60
N ARG A 229 -24.83 -14.80 7.06
CA ARG A 229 -23.99 -15.60 6.19
C ARG A 229 -23.18 -16.60 7.02
N SER A 230 -23.18 -17.85 6.60
CA SER A 230 -22.47 -18.90 7.33
C SER A 230 -20.97 -18.62 7.39
N GLY A 231 -20.42 -18.69 8.60
CA GLY A 231 -19.04 -18.32 8.83
C GLY A 231 -18.82 -16.88 9.20
N SER A 232 -19.80 -16.01 9.03
CA SER A 232 -19.58 -14.59 9.31
C SER A 232 -19.40 -14.33 10.80
N ALA A 233 -20.08 -15.10 11.67
CA ALA A 233 -20.01 -14.83 13.10
C ALA A 233 -18.58 -14.91 13.63
N LEU A 234 -17.75 -15.71 12.99
CA LEU A 234 -16.35 -15.77 13.37
C LEU A 234 -15.51 -14.67 12.71
N LEU A 235 -15.96 -14.13 11.56
CA LEU A 235 -15.23 -13.06 10.86
C LEU A 235 -16.20 -11.97 10.40
N PRO A 236 -16.84 -11.26 11.33
CA PRO A 236 -17.95 -10.38 10.93
C PRO A 236 -17.52 -9.20 10.07
N ASN A 237 -16.23 -8.86 10.08
CA ASN A 237 -15.77 -7.76 9.24
C ASN A 237 -15.67 -8.12 7.75
N LYS A 238 -15.61 -9.40 7.40
CA LYS A 238 -15.19 -9.76 6.05
C LYS A 238 -16.41 -9.79 5.14
N TRP A 239 -16.61 -8.70 4.38
CA TRP A 239 -17.84 -8.50 3.61
C TRP A 239 -17.90 -9.36 2.35
N ASP A 240 -16.74 -9.75 1.81
CA ASP A 240 -16.65 -10.68 0.69
C ASP A 240 -16.52 -12.14 1.13
N LEU A 241 -16.83 -12.45 2.39
CA LEU A 241 -16.71 -13.83 2.86
C LEU A 241 -17.68 -14.70 2.08
N GLU A 242 -17.19 -15.83 1.61
CA GLU A 242 -18.01 -16.75 0.82
C GLU A 242 -18.65 -17.75 1.77
N GLY A 243 -19.98 -17.78 1.79
CA GLY A 243 -20.76 -18.68 2.63
C GLY A 243 -22.23 -18.60 2.27
N ALA A 244 -22.96 -19.70 2.49
CA ALA A 244 -24.39 -19.73 2.21
C ALA A 244 -25.16 -18.72 3.06
N ILE A 245 -26.32 -18.33 2.55
CA ILE A 245 -27.25 -17.49 3.30
C ILE A 245 -27.53 -18.12 4.65
N ASN A 246 -27.66 -17.29 5.69
CA ASN A 246 -27.84 -17.79 7.04
C ASN A 246 -28.32 -16.67 7.94
N LEU A 247 -29.65 -16.49 8.04
CA LEU A 247 -30.19 -15.42 8.86
C LEU A 247 -29.99 -15.70 10.34
N GLN A 248 -30.00 -16.97 10.73
CA GLN A 248 -29.87 -17.32 12.13
C GLN A 248 -28.48 -16.99 12.65
N GLU A 249 -27.46 -17.10 11.81
CA GLU A 249 -26.12 -16.78 12.28
C GLU A 249 -25.98 -15.29 12.61
N GLN A 250 -26.64 -14.43 11.83
CA GLN A 250 -26.61 -13.00 12.14
C GLN A 250 -27.31 -12.71 13.47
N ALA A 251 -28.45 -13.35 13.71
CA ALA A 251 -29.17 -13.13 14.96
C ALA A 251 -28.39 -13.64 16.17
N ASP A 252 -27.73 -14.80 16.04
CA ASP A 252 -26.87 -15.27 17.12
C ASP A 252 -25.75 -14.29 17.41
N TYR A 253 -25.17 -13.70 16.36
CA TYR A 253 -24.07 -12.76 16.56
C TYR A 253 -24.51 -11.57 17.40
N TYR A 254 -25.68 -10.98 17.08
CA TYR A 254 -26.15 -9.82 17.82
C TYR A 254 -26.56 -10.18 19.24
N GLN A 255 -27.23 -11.33 19.43
CA GLN A 255 -27.57 -11.76 20.77
C GLN A 255 -26.32 -11.85 21.65
N VAL A 256 -25.30 -12.57 21.16
CA VAL A 256 -24.07 -12.73 21.93
C VAL A 256 -23.42 -11.37 22.19
N MET A 257 -23.39 -10.50 21.18
CA MET A 257 -22.66 -9.24 21.31
C MET A 257 -23.27 -8.33 22.37
N PHE A 258 -24.61 -8.18 22.34
CA PHE A 258 -25.26 -7.36 23.35
C PHE A 258 -25.11 -7.97 24.74
N GLU A 259 -25.29 -9.30 24.84
CA GLU A 259 -25.10 -9.99 26.11
C GLU A 259 -23.71 -9.71 26.70
N LYS A 260 -22.67 -9.80 25.86
CA LYS A 260 -21.32 -9.62 26.39
C LYS A 260 -21.00 -8.16 26.70
N THR A 261 -21.50 -7.21 25.88
CA THR A 261 -21.16 -5.82 26.16
C THR A 261 -22.10 -5.16 27.17
N ALA A 262 -23.27 -5.75 27.43
CA ALA A 262 -24.19 -5.15 28.39
C ALA A 262 -23.59 -5.12 29.79
N SER A 263 -22.82 -6.14 30.15
CA SER A 263 -22.21 -6.16 31.47
C SER A 263 -21.00 -5.23 31.59
N ARG A 264 -20.59 -4.57 30.51
CA ARG A 264 -19.42 -3.70 30.52
C ARG A 264 -19.90 -2.26 30.41
N SER A 265 -19.73 -1.50 31.49
CA SER A 265 -20.33 -0.18 31.58
C SER A 265 -19.60 0.84 30.70
N TRP A 266 -18.31 0.64 30.44
CA TRP A 266 -17.56 1.54 29.57
C TRP A 266 -17.89 1.36 28.10
N VAL A 267 -18.59 0.30 27.72
CA VAL A 267 -19.09 0.15 26.36
C VAL A 267 -20.32 1.04 26.21
N GLY A 268 -20.16 2.15 25.47
CA GLY A 268 -21.16 3.19 25.47
C GLY A 268 -22.07 3.30 24.26
N GLY A 269 -22.16 2.26 23.44
CA GLY A 269 -23.13 2.27 22.36
C GLY A 269 -22.58 1.65 21.08
N PHE A 270 -23.36 1.80 20.01
CA PHE A 270 -23.14 1.12 18.74
C PHE A 270 -23.52 2.03 17.57
N GLY A 271 -22.72 1.95 16.50
CA GLY A 271 -23.18 2.37 15.18
C GLY A 271 -23.27 1.16 14.27
N LEU A 272 -24.39 0.45 14.33
CA LEU A 272 -24.46 -0.87 13.70
C LEU A 272 -24.28 -0.75 12.19
N TRP A 273 -23.45 -1.65 11.64
CA TRP A 273 -23.15 -1.60 10.23
C TRP A 273 -24.23 -2.33 9.42
N ASP A 274 -24.37 -1.85 8.19
CA ASP A 274 -25.40 -0.90 7.84
C ASP A 274 -26.88 -1.17 7.57
N TRP A 275 -27.54 -0.02 7.45
CA TRP A 275 -28.87 0.14 6.89
C TRP A 275 -28.72 0.87 5.58
N GLN A 276 -29.11 0.22 4.49
CA GLN A 276 -28.84 0.78 3.18
C GLN A 276 -29.85 1.85 2.83
N THR A 277 -29.38 2.86 2.09
CA THR A 277 -30.24 3.94 1.60
C THR A 277 -31.36 3.37 0.75
N TYR A 278 -30.97 2.60 -0.28
CA TYR A 278 -31.89 1.88 -1.14
C TYR A 278 -32.07 0.47 -0.57
N LEU A 279 -32.98 0.38 0.39
CA LEU A 279 -33.26 -0.85 1.13
C LEU A 279 -33.92 -1.88 0.20
N TYR A 280 -33.62 -3.16 0.44
CA TYR A 280 -34.27 -4.20 -0.35
C TYR A 280 -35.72 -4.35 0.10
N ASP A 281 -36.51 -5.05 -0.73
CA ASP A 281 -37.89 -5.38 -0.35
C ASP A 281 -37.89 -6.40 0.76
N GLU A 282 -38.76 -6.20 1.75
CA GLU A 282 -38.79 -7.11 2.88
C GLU A 282 -39.04 -8.56 2.48
N LYS A 283 -39.67 -8.77 1.31
CA LYS A 283 -39.88 -10.12 0.80
C LYS A 283 -38.57 -10.84 0.49
N ASP A 284 -37.51 -10.11 0.16
CA ASP A 284 -36.24 -10.71 -0.25
C ASP A 284 -35.24 -10.83 0.91
N ALA A 285 -35.60 -10.37 2.10
CA ALA A 285 -34.73 -10.49 3.26
C ALA A 285 -34.27 -11.92 3.50
N THR A 286 -35.18 -12.90 3.34
CA THR A 286 -34.85 -14.29 3.62
C THR A 286 -33.81 -14.83 2.65
N LYS A 287 -33.51 -14.12 1.57
CA LYS A 287 -32.46 -14.56 0.66
C LYS A 287 -31.31 -13.55 0.60
N ASN A 288 -31.26 -12.58 1.52
CA ASN A 288 -30.23 -11.56 1.55
C ASN A 288 -29.10 -12.00 2.48
N ASP A 289 -27.88 -12.02 1.95
CA ASP A 289 -26.72 -12.46 2.73
C ASP A 289 -25.83 -11.29 3.14
N ASP A 290 -26.38 -10.09 3.26
CA ASP A 290 -25.61 -8.88 3.50
C ASP A 290 -25.65 -8.50 4.98
N TYR A 291 -25.03 -7.35 5.31
CA TYR A 291 -25.07 -6.85 6.69
C TYR A 291 -26.45 -6.38 7.10
N GLY A 292 -27.30 -6.04 6.12
CA GLY A 292 -28.63 -5.55 6.38
C GLY A 292 -29.41 -6.40 7.36
N VAL A 293 -30.26 -5.73 8.13
CA VAL A 293 -30.98 -6.37 9.22
C VAL A 293 -32.48 -6.32 9.00
N PHE A 294 -32.92 -5.54 8.00
CA PHE A 294 -34.32 -5.34 7.67
C PHE A 294 -34.99 -6.66 7.30
N GLY A 295 -36.07 -6.99 8.00
CA GLY A 295 -36.86 -8.17 7.68
C GLY A 295 -36.26 -9.48 8.12
N LYS A 296 -35.21 -9.45 8.92
CA LYS A 296 -34.45 -10.62 9.37
C LYS A 296 -34.59 -10.77 10.87
N PRO A 297 -34.37 -11.98 11.41
CA PRO A 297 -34.56 -12.18 12.85
C PRO A 297 -33.68 -11.31 13.72
N ALA A 298 -32.56 -10.81 13.19
CA ALA A 298 -31.70 -9.94 14.00
C ALA A 298 -32.32 -8.56 14.21
N GLU A 299 -33.14 -8.11 13.24
CA GLU A 299 -33.90 -6.87 13.41
C GLU A 299 -34.65 -6.82 14.73
N ARG A 300 -35.18 -7.95 15.19
CA ARG A 300 -35.94 -7.95 16.44
C ARG A 300 -35.04 -8.02 17.66
N VAL A 301 -33.87 -8.65 17.54
CA VAL A 301 -32.91 -8.66 18.64
C VAL A 301 -32.42 -7.23 18.94
N ILE A 302 -32.12 -6.46 17.88
CA ILE A 302 -31.66 -5.09 18.07
C ILE A 302 -32.76 -4.22 18.66
N LYS A 303 -33.97 -4.30 18.09
CA LYS A 303 -35.08 -3.50 18.58
C LYS A 303 -35.30 -3.73 20.07
N ALA A 304 -35.39 -5.00 20.46
CA ALA A 304 -35.61 -5.33 21.86
C ALA A 304 -34.50 -4.78 22.74
N TYR A 305 -33.24 -5.02 22.37
CA TYR A 305 -32.14 -4.62 23.25
C TYR A 305 -32.04 -3.11 23.34
N TYR A 306 -32.18 -2.41 22.21
CA TYR A 306 -32.15 -0.95 22.23
C TYR A 306 -33.32 -0.40 23.05
N GLN A 307 -34.43 -1.13 23.04
CA GLN A 307 -35.61 -0.71 23.78
C GLN A 307 -35.52 -1.05 25.27
N SER A 308 -34.56 -1.90 25.61
CA SER A 308 -34.35 -2.29 27.00
C SER A 308 -33.39 -1.34 27.71
N ARG A 309 -32.59 -0.61 26.93
CA ARG A 309 -31.64 0.34 27.49
C ARG A 309 -32.30 1.67 27.81
N MET B 1 36.72 -6.13 -4.25
CA MET B 1 35.87 -6.25 -5.43
C MET B 1 36.31 -5.31 -6.55
N GLU B 2 36.41 -5.86 -7.76
CA GLU B 2 36.75 -5.10 -8.95
C GLU B 2 35.60 -4.19 -9.35
N PHE B 3 35.96 -3.12 -10.05
CA PHE B 3 34.95 -2.20 -10.56
C PHE B 3 34.02 -2.91 -11.53
N ILE B 4 32.72 -2.85 -11.25
CA ILE B 4 31.73 -3.63 -11.99
C ILE B 4 31.22 -2.79 -13.15
N LYS B 5 31.56 -3.18 -14.38
CA LYS B 5 31.15 -2.47 -15.58
C LYS B 5 29.90 -3.17 -16.12
N GLY B 6 28.76 -2.86 -15.51
CA GLY B 6 27.57 -3.65 -15.76
C GLY B 6 26.49 -2.95 -16.55
N PHE B 7 25.63 -3.74 -17.18
CA PHE B 7 24.43 -3.27 -17.83
C PHE B 7 23.29 -4.23 -17.50
N THR B 8 22.12 -3.69 -17.22
CA THR B 8 20.94 -4.53 -16.95
C THR B 8 20.34 -5.03 -18.26
N PHE B 9 19.93 -6.29 -18.27
CA PHE B 9 19.41 -6.98 -19.44
C PHE B 9 18.19 -7.78 -19.02
N GLY B 10 17.21 -7.89 -19.91
CA GLY B 10 16.14 -8.85 -19.70
C GLY B 10 14.92 -8.35 -18.96
N TRP B 11 14.88 -7.09 -18.56
CA TRP B 11 13.73 -6.56 -17.82
C TRP B 11 12.42 -6.74 -18.56
N ASP B 12 12.46 -6.64 -19.89
CA ASP B 12 11.26 -6.77 -20.70
C ASP B 12 10.93 -8.22 -21.03
N SER B 13 11.76 -9.17 -20.61
CA SER B 13 11.59 -10.55 -21.04
C SER B 13 10.28 -11.15 -20.52
N GLN B 14 9.72 -12.05 -21.32
CA GLN B 14 8.59 -12.91 -20.93
C GLN B 14 8.93 -14.33 -21.35
N LYS B 15 8.06 -15.28 -20.99
CA LYS B 15 8.33 -16.69 -21.29
C LYS B 15 8.63 -16.88 -22.77
N GLY B 16 9.74 -17.56 -23.07
CA GLY B 16 10.15 -17.81 -24.44
C GLY B 16 11.11 -16.79 -25.03
N TYR B 17 11.28 -15.63 -24.40
CA TYR B 17 12.14 -14.60 -24.98
C TYR B 17 13.58 -15.05 -25.06
N PHE B 18 14.04 -15.86 -24.09
CA PHE B 18 15.46 -16.18 -24.02
C PHE B 18 15.85 -17.33 -24.95
N LYS B 19 14.88 -18.05 -25.51
CA LYS B 19 15.20 -19.03 -26.55
C LYS B 19 15.49 -18.40 -27.91
N THR B 20 15.17 -17.12 -28.12
CA THR B 20 15.22 -16.54 -29.45
C THR B 20 16.62 -16.12 -29.85
N GLU B 21 16.87 -16.12 -31.17
CA GLU B 21 18.14 -15.60 -31.66
C GLU B 21 18.24 -14.09 -31.44
N ARG B 22 17.10 -13.40 -31.46
CA ARG B 22 17.05 -11.97 -31.23
C ARG B 22 17.49 -11.60 -29.81
N ALA B 23 17.16 -12.43 -28.81
CA ALA B 23 17.66 -12.21 -27.45
C ALA B 23 19.18 -12.26 -27.41
N LYS B 24 19.78 -13.19 -28.16
CA LYS B 24 21.22 -13.35 -28.14
C LYS B 24 21.93 -12.30 -28.98
N GLU B 25 21.29 -11.85 -30.06
CA GLU B 25 21.84 -10.72 -30.80
C GLU B 25 21.84 -9.47 -29.92
N SER B 26 20.77 -9.28 -29.14
CA SER B 26 20.69 -8.13 -28.25
C SER B 26 21.83 -8.14 -27.25
N LEU B 27 22.13 -9.31 -26.66
CA LEU B 27 23.20 -9.41 -25.69
C LEU B 27 24.56 -9.11 -26.30
N ARG B 28 24.83 -9.63 -27.51
CA ARG B 28 26.10 -9.35 -28.17
C ARG B 28 26.27 -7.87 -28.44
N LEU B 29 25.19 -7.21 -28.85
CA LEU B 29 25.28 -5.79 -29.17
C LEU B 29 25.61 -4.98 -27.93
N MET B 30 24.98 -5.30 -26.81
CA MET B 30 25.22 -4.56 -25.56
C MET B 30 26.69 -4.67 -25.14
N GLN B 31 27.25 -5.87 -25.23
CA GLN B 31 28.66 -6.05 -24.92
C GLN B 31 29.55 -5.28 -25.89
N GLU B 32 29.25 -5.38 -27.18
CA GLU B 32 30.05 -4.68 -28.20
C GLU B 32 29.93 -3.16 -28.05
N ARG B 33 28.71 -2.66 -27.92
CA ARG B 33 28.50 -1.21 -27.96
C ARG B 33 28.88 -0.51 -26.64
N THR B 34 28.81 -1.19 -25.50
CA THR B 34 29.02 -0.47 -24.25
C THR B 34 30.28 -0.86 -23.50
N ALA B 35 30.98 -1.91 -23.94
CA ALA B 35 32.18 -2.43 -23.26
C ALA B 35 31.86 -2.99 -21.86
N SER B 36 30.60 -3.32 -21.58
CA SER B 36 30.24 -3.93 -20.31
C SER B 36 30.96 -5.26 -20.12
N GLU B 37 31.39 -5.52 -18.89
CA GLU B 37 31.92 -6.83 -18.53
C GLU B 37 30.97 -7.64 -17.66
N TYR B 38 29.93 -7.01 -17.12
CA TYR B 38 28.93 -7.69 -16.29
C TYR B 38 27.54 -7.49 -16.90
N VAL B 39 26.70 -8.51 -16.78
CA VAL B 39 25.29 -8.41 -17.15
C VAL B 39 24.46 -8.70 -15.90
N ILE B 40 23.57 -7.77 -15.57
CA ILE B 40 22.61 -7.95 -14.48
C ILE B 40 21.32 -8.41 -15.14
N VAL B 41 20.92 -9.65 -14.89
CA VAL B 41 19.69 -10.21 -15.42
C VAL B 41 18.57 -9.89 -14.44
N ALA B 42 17.73 -8.92 -14.79
CA ALA B 42 16.66 -8.49 -13.90
C ALA B 42 15.34 -9.12 -14.35
N LEU B 43 14.72 -9.86 -13.45
CA LEU B 43 13.46 -10.56 -13.69
C LEU B 43 12.43 -10.13 -12.65
N ALA B 44 11.16 -10.30 -13.01
CA ALA B 44 10.05 -9.83 -12.20
C ALA B 44 9.03 -10.95 -12.01
N ALA B 45 8.93 -11.47 -10.79
CA ALA B 45 7.76 -12.26 -10.47
C ALA B 45 6.54 -11.33 -10.38
N LEU B 46 5.36 -11.89 -10.12
CA LEU B 46 4.17 -11.08 -10.03
C LEU B 46 3.36 -11.44 -8.79
N GLN B 47 2.75 -10.42 -8.20
CA GLN B 47 1.71 -10.60 -7.19
C GLN B 47 0.58 -9.65 -7.55
N ASP B 48 -0.59 -9.90 -6.97
CA ASP B 48 -1.81 -9.18 -7.35
C ASP B 48 -1.76 -7.71 -6.94
N THR B 49 -1.50 -7.44 -5.65
CA THR B 49 -1.44 -6.07 -5.17
C THR B 49 -0.20 -5.92 -4.30
N ALA B 50 0.02 -4.69 -3.82
CA ALA B 50 1.08 -4.49 -2.83
C ALA B 50 0.78 -5.19 -1.51
N HIS B 51 -0.43 -5.72 -1.32
CA HIS B 51 -0.81 -6.31 -0.05
C HIS B 51 -1.33 -7.73 -0.20
N SER B 52 -0.91 -8.43 -1.24
CA SER B 52 -1.15 -9.85 -1.44
C SER B 52 0.12 -10.62 -1.12
N THR B 53 -0.05 -11.92 -0.87
CA THR B 53 1.01 -12.73 -0.32
C THR B 53 1.52 -13.79 -1.27
N GLU B 54 0.86 -14.03 -2.40
CA GLU B 54 1.29 -15.09 -3.33
C GLU B 54 2.17 -14.49 -4.43
N VAL B 55 3.45 -14.87 -4.43
CA VAL B 55 4.42 -14.44 -5.43
C VAL B 55 4.49 -15.49 -6.53
N ASP B 56 4.22 -15.07 -7.78
CA ASP B 56 4.05 -15.97 -8.92
C ASP B 56 5.23 -15.83 -9.88
N PHE B 57 6.01 -16.92 -10.03
CA PHE B 57 7.11 -16.96 -10.98
C PHE B 57 6.97 -18.11 -12.00
N GLN B 58 5.77 -18.67 -12.18
CA GLN B 58 5.60 -19.73 -13.16
C GLN B 58 4.87 -19.29 -14.43
N GLY B 59 4.16 -18.15 -14.38
CA GLY B 59 3.29 -17.76 -15.47
C GLY B 59 4.01 -17.20 -16.68
N SER B 60 3.21 -16.74 -17.64
CA SER B 60 3.73 -16.37 -18.95
C SER B 60 4.62 -15.13 -18.92
N HIS B 61 4.55 -14.34 -17.85
CA HIS B 61 5.44 -13.19 -17.72
C HIS B 61 6.88 -13.58 -17.46
N MET B 62 7.13 -14.81 -17.00
CA MET B 62 8.44 -15.19 -16.47
C MET B 62 9.08 -16.24 -17.36
N VAL B 63 10.34 -16.00 -17.74
CA VAL B 63 11.12 -16.96 -18.50
C VAL B 63 11.17 -18.31 -17.76
N ASP B 64 11.22 -19.39 -18.53
CA ASP B 64 11.36 -20.71 -17.94
C ASP B 64 12.80 -20.89 -17.46
N ASP B 65 13.00 -21.95 -16.66
CA ASP B 65 14.32 -22.21 -16.09
C ASP B 65 15.34 -22.58 -17.17
N ASP B 66 14.94 -23.42 -18.13
CA ASP B 66 15.89 -23.89 -19.13
C ASP B 66 16.36 -22.75 -20.01
N GLU B 67 15.46 -21.82 -20.35
CA GLU B 67 15.88 -20.70 -21.20
C GLU B 67 16.66 -19.65 -20.43
N LEU B 68 16.42 -19.53 -19.12
CA LEU B 68 17.29 -18.71 -18.28
C LEU B 68 18.71 -19.28 -18.22
N ILE B 69 18.82 -20.60 -17.98
CA ILE B 69 20.14 -21.22 -17.88
C ILE B 69 20.85 -21.12 -19.22
N GLU B 70 20.11 -21.28 -20.32
CA GLU B 70 20.71 -21.12 -21.64
C GLU B 70 21.27 -19.71 -21.84
N LEU B 71 20.51 -18.68 -21.44
CA LEU B 71 20.96 -17.30 -21.61
C LEU B 71 22.18 -16.99 -20.73
N ILE B 72 22.15 -17.42 -19.46
CA ILE B 72 23.27 -17.17 -18.56
C ILE B 72 24.51 -17.89 -19.05
N ASP B 73 24.38 -19.19 -19.39
CA ASP B 73 25.45 -19.91 -20.07
C ASP B 73 25.96 -19.10 -21.24
N TYR B 74 25.04 -18.55 -22.05
CA TYR B 74 25.47 -17.82 -23.24
C TYR B 74 26.18 -16.53 -22.87
N ALA B 75 25.73 -15.86 -21.81
CA ALA B 75 26.42 -14.64 -21.38
C ALA B 75 27.85 -14.98 -20.95
N LYS B 76 28.04 -16.15 -20.32
CA LYS B 76 29.37 -16.53 -19.88
C LYS B 76 30.26 -16.91 -21.05
N SER B 77 29.68 -17.45 -22.12
CA SER B 77 30.47 -17.76 -23.32
C SER B 77 30.96 -16.50 -24.00
N LEU B 78 30.24 -15.37 -23.87
CA LEU B 78 30.74 -14.11 -24.39
C LEU B 78 31.80 -13.49 -23.49
N GLY B 79 32.05 -14.07 -22.32
CA GLY B 79 32.99 -13.51 -21.38
C GLY B 79 32.39 -12.63 -20.30
N LEU B 80 31.08 -12.63 -20.14
CA LEU B 80 30.42 -11.76 -19.16
C LEU B 80 30.26 -12.47 -17.83
N LYS B 81 30.47 -11.75 -16.74
CA LYS B 81 30.03 -12.21 -15.44
C LYS B 81 28.57 -11.83 -15.24
N VAL B 82 27.87 -12.62 -14.44
CA VAL B 82 26.41 -12.57 -14.40
C VAL B 82 25.97 -12.25 -12.98
N ILE B 83 25.09 -11.27 -12.86
CA ILE B 83 24.44 -10.95 -11.60
C ILE B 83 22.96 -11.21 -11.78
N LEU B 84 22.42 -12.09 -10.95
CA LEU B 84 21.03 -12.52 -11.05
C LEU B 84 20.22 -11.73 -10.05
N LYS B 85 19.14 -11.11 -10.51
CA LYS B 85 18.37 -10.15 -9.73
C LYS B 85 16.89 -10.48 -9.88
N PRO B 86 16.38 -11.37 -9.08
CA PRO B 86 14.94 -11.64 -9.15
C PRO B 86 14.14 -10.73 -8.24
N THR B 87 13.22 -9.95 -8.81
CA THR B 87 12.40 -9.06 -8.01
C THR B 87 10.93 -9.32 -8.33
N VAL B 88 10.04 -8.41 -7.94
CA VAL B 88 8.62 -8.66 -8.02
C VAL B 88 7.88 -7.38 -8.42
N ASN B 89 6.85 -7.53 -9.24
CA ASN B 89 5.93 -6.45 -9.61
C ASN B 89 4.54 -6.82 -9.15
N CYS B 90 3.69 -5.80 -9.07
CA CYS B 90 2.28 -5.96 -8.75
C CYS B 90 1.45 -5.90 -10.02
N ARG B 91 0.48 -6.81 -10.15
CA ARG B 91 -0.38 -6.81 -11.32
C ARG B 91 -1.20 -5.53 -11.45
N ASN B 92 -1.53 -4.87 -10.34
CA ASN B 92 -2.31 -3.65 -10.41
C ASN B 92 -1.45 -2.40 -10.60
N GLY B 93 -0.15 -2.56 -10.86
CA GLY B 93 0.71 -1.43 -11.16
C GLY B 93 1.45 -0.79 -10.01
N THR B 94 1.13 -1.13 -8.75
CA THR B 94 1.75 -0.48 -7.60
C THR B 94 3.24 -0.81 -7.53
N TRP B 95 4.08 0.24 -7.43
CA TRP B 95 5.51 0.08 -7.21
C TRP B 95 5.78 -0.83 -6.01
N ARG B 96 6.74 -1.75 -6.17
CA ARG B 96 7.00 -2.76 -5.14
C ARG B 96 7.46 -2.15 -3.83
N ALA B 97 8.01 -0.93 -3.86
CA ALA B 97 8.39 -0.23 -2.64
C ALA B 97 7.24 -0.13 -1.65
N HIS B 98 6.00 -0.20 -2.14
CA HIS B 98 4.84 -0.06 -1.29
C HIS B 98 4.34 -1.39 -0.75
N ILE B 99 5.02 -2.49 -1.06
CA ILE B 99 4.59 -3.78 -0.54
C ILE B 99 4.70 -3.76 0.97
N ASN B 100 3.60 -4.10 1.64
CA ASN B 100 3.49 -3.76 3.06
C ASN B 100 2.34 -4.54 3.67
N PHE B 101 2.44 -4.81 4.98
CA PHE B 101 1.41 -5.49 5.72
C PHE B 101 1.35 -4.90 7.13
N PHE B 102 0.25 -5.16 7.83
CA PHE B 102 0.09 -4.73 9.21
C PHE B 102 1.26 -5.22 10.07
N ASP B 103 1.57 -4.42 11.10
CA ASP B 103 2.63 -4.82 12.03
C ASP B 103 2.23 -6.04 12.83
N MET B 104 0.99 -6.09 13.26
CA MET B 104 0.45 -7.27 13.93
C MET B 104 -0.17 -8.23 12.92
N ASP B 105 -0.23 -9.50 13.33
CA ASP B 105 -1.01 -10.51 12.63
C ASP B 105 -2.46 -10.41 13.10
N ILE B 106 -3.34 -9.95 12.22
CA ILE B 106 -4.76 -9.76 12.54
C ILE B 106 -5.55 -10.91 11.93
N PRO B 107 -6.43 -11.56 12.69
CA PRO B 107 -7.19 -12.70 12.15
C PRO B 107 -7.90 -12.37 10.85
N GLY B 108 -7.71 -13.24 9.85
CA GLY B 108 -8.22 -13.01 8.51
C GLY B 108 -7.44 -12.01 7.68
N GLU B 109 -6.39 -11.42 8.19
CA GLU B 109 -5.68 -10.46 7.36
C GLU B 109 -4.41 -11.07 6.80
N PRO B 110 -3.92 -10.56 5.67
CA PRO B 110 -2.59 -10.98 5.19
C PRO B 110 -1.50 -10.52 6.14
N THR B 111 -0.43 -11.30 6.23
CA THR B 111 0.62 -11.06 7.22
C THR B 111 1.98 -11.08 6.55
N TRP B 112 2.95 -10.48 7.24
CA TRP B 112 4.34 -10.51 6.80
C TRP B 112 4.85 -11.93 6.61
N ASP B 113 4.56 -12.82 7.56
CA ASP B 113 5.02 -14.21 7.45
C ASP B 113 4.49 -14.87 6.17
N GLU B 114 3.25 -14.56 5.80
CA GLU B 114 2.70 -15.13 4.58
C GLU B 114 3.42 -14.61 3.34
N TRP B 115 3.65 -13.29 3.25
CA TRP B 115 4.37 -12.76 2.10
C TRP B 115 5.77 -13.32 2.03
N PHE B 116 6.48 -13.32 3.17
CA PHE B 116 7.87 -13.75 3.14
C PHE B 116 8.01 -15.24 2.82
N GLU B 117 7.06 -16.08 3.25
CA GLU B 117 7.13 -17.49 2.89
C GLU B 117 7.09 -17.65 1.37
N SER B 118 6.20 -16.91 0.69
CA SER B 118 6.14 -17.00 -0.76
C SER B 118 7.38 -16.39 -1.39
N TYR B 119 7.79 -15.22 -0.92
CA TYR B 119 8.94 -14.56 -1.52
C TYR B 119 10.22 -15.35 -1.30
N ILE B 120 10.39 -15.93 -0.11
CA ILE B 120 11.58 -16.71 0.17
C ILE B 120 11.66 -17.91 -0.76
N ASN B 121 10.52 -18.57 -0.99
CA ASN B 121 10.48 -19.69 -1.93
C ASN B 121 10.89 -19.25 -3.32
N TYR B 122 10.40 -18.09 -3.74
CA TYR B 122 10.79 -17.52 -5.02
C TYR B 122 12.30 -17.28 -5.05
N GLN B 123 12.84 -16.64 -4.01
CA GLN B 123 14.27 -16.34 -4.04
C GLN B 123 15.10 -17.62 -4.01
N LYS B 124 14.74 -18.56 -3.13
CA LYS B 124 15.49 -19.82 -3.05
C LYS B 124 15.52 -20.53 -4.39
N HIS B 125 14.42 -20.45 -5.14
CA HIS B 125 14.36 -21.06 -6.46
C HIS B 125 15.43 -20.48 -7.38
N TYR B 126 15.57 -19.15 -7.40
CA TYR B 126 16.55 -18.55 -8.30
C TYR B 126 17.96 -18.56 -7.72
N ALA B 127 18.10 -18.64 -6.39
CA ALA B 127 19.43 -18.87 -5.82
C ALA B 127 19.98 -20.23 -6.26
N LYS B 128 19.11 -21.25 -6.35
CA LYS B 128 19.56 -22.55 -6.82
C LYS B 128 20.05 -22.45 -8.25
N ILE B 129 19.35 -21.69 -9.08
CA ILE B 129 19.80 -21.48 -10.45
C ILE B 129 21.09 -20.66 -10.48
N ALA B 130 21.16 -19.61 -9.64
CA ALA B 130 22.38 -18.80 -9.61
C ALA B 130 23.58 -19.65 -9.24
N GLU B 131 23.39 -20.58 -8.29
CA GLU B 131 24.49 -21.45 -7.87
C GLU B 131 24.87 -22.43 -8.97
N LYS B 132 23.89 -23.05 -9.62
CA LYS B 132 24.19 -24.05 -10.65
C LYS B 132 24.88 -23.41 -11.86
N THR B 133 24.57 -22.15 -12.17
CA THR B 133 25.20 -21.49 -13.30
C THR B 133 26.43 -20.68 -12.91
N ASN B 134 26.77 -20.62 -11.61
CA ASN B 134 27.98 -19.96 -11.12
C ASN B 134 27.95 -18.47 -11.39
N CYS B 135 26.80 -17.85 -11.14
CA CYS B 135 26.72 -16.39 -11.17
C CYS B 135 27.60 -15.79 -10.09
N GLU B 136 28.19 -14.63 -10.40
CA GLU B 136 29.04 -13.92 -9.46
C GLU B 136 28.26 -13.30 -8.30
N MET B 137 26.96 -13.02 -8.47
CA MET B 137 26.26 -12.25 -7.47
C MET B 137 24.75 -12.46 -7.60
N PHE B 138 24.06 -12.40 -6.46
CA PHE B 138 22.63 -12.59 -6.38
C PHE B 138 22.05 -11.41 -5.61
N VAL B 139 20.95 -10.86 -6.10
CA VAL B 139 20.30 -9.69 -5.50
C VAL B 139 18.97 -10.15 -4.93
N VAL B 140 18.85 -10.16 -3.60
CA VAL B 140 17.69 -10.81 -2.99
C VAL B 140 16.44 -9.94 -3.04
N GLY B 141 16.59 -8.63 -3.15
CA GLY B 141 15.45 -7.75 -3.19
C GLY B 141 15.84 -6.44 -3.83
N CYS B 142 14.83 -5.69 -4.23
CA CYS B 142 15.04 -4.48 -5.00
C CYS B 142 14.02 -3.45 -4.56
N GLU B 143 14.51 -2.30 -4.07
CA GLU B 143 13.69 -1.12 -3.76
C GLU B 143 12.46 -1.44 -2.90
N MET B 144 12.57 -2.42 -1.99
CA MET B 144 11.47 -2.84 -1.12
C MET B 144 11.40 -1.95 0.13
N VAL B 145 11.11 -0.66 -0.10
CA VAL B 145 11.32 0.37 0.92
C VAL B 145 10.52 0.07 2.19
N GLN B 146 9.21 -0.13 2.05
CA GLN B 146 8.35 -0.40 3.20
C GLN B 146 8.60 -1.78 3.82
N ALA B 147 9.18 -2.72 3.07
CA ALA B 147 9.46 -4.05 3.62
C ALA B 147 10.79 -4.11 4.39
N GLU B 148 11.66 -3.11 4.20
CA GLU B 148 13.01 -3.16 4.75
C GLU B 148 13.01 -3.08 6.28
N ARG B 149 11.98 -2.52 6.89
CA ARG B 149 11.93 -2.45 8.34
C ARG B 149 11.82 -3.82 8.97
N ARG B 150 11.29 -4.82 8.25
CA ARG B 150 11.22 -6.19 8.76
C ARG B 150 12.56 -6.90 8.60
N GLU B 151 13.59 -6.34 9.25
CA GLU B 151 14.95 -6.87 9.13
C GLU B 151 15.05 -8.31 9.64
N ASP B 152 14.20 -8.69 10.59
CA ASP B 152 14.23 -10.09 11.02
C ASP B 152 13.94 -11.03 9.86
N LYS B 153 12.96 -10.68 9.02
CA LYS B 153 12.61 -11.54 7.90
C LYS B 153 13.63 -11.47 6.76
N TRP B 154 14.21 -10.30 6.49
CA TRP B 154 15.29 -10.26 5.50
C TRP B 154 16.47 -11.13 5.95
N ARG B 155 16.80 -11.10 7.24
CA ARG B 155 17.83 -12.00 7.75
C ARG B 155 17.44 -13.47 7.56
N GLU B 156 16.19 -13.82 7.90
CA GLU B 156 15.71 -15.17 7.64
C GLU B 156 15.84 -15.52 6.16
N LEU B 157 15.50 -14.58 5.27
CA LEU B 157 15.56 -14.83 3.84
C LEU B 157 17.00 -15.01 3.36
N ILE B 158 17.90 -14.12 3.82
CA ILE B 158 19.29 -14.18 3.37
C ILE B 158 19.95 -15.48 3.82
N ALA B 159 19.65 -15.92 5.06
CA ALA B 159 20.14 -17.20 5.52
C ALA B 159 19.60 -18.34 4.65
N GLU B 160 18.34 -18.25 4.23
CA GLU B 160 17.82 -19.29 3.34
C GLU B 160 18.55 -19.29 2.01
N VAL B 161 18.95 -18.12 1.52
CA VAL B 161 19.61 -18.03 0.22
C VAL B 161 21.04 -18.59 0.30
N ARG B 162 21.68 -18.40 1.46
CA ARG B 162 23.04 -18.87 1.62
C ARG B 162 23.14 -20.39 1.68
N LYS B 163 22.05 -21.06 2.06
CA LYS B 163 22.05 -22.52 2.01
C LYS B 163 22.06 -23.04 0.58
N ASP B 164 21.71 -22.19 -0.40
CA ASP B 164 21.59 -22.62 -1.78
C ASP B 164 22.67 -22.08 -2.69
N TYR B 165 23.36 -21.02 -2.29
CA TYR B 165 24.20 -20.23 -3.19
C TYR B 165 25.39 -19.72 -2.39
N ARG B 166 26.60 -19.98 -2.88
CA ARG B 166 27.83 -19.68 -2.14
C ARG B 166 28.55 -18.44 -2.69
N GLY B 167 27.92 -17.67 -3.55
CA GLY B 167 28.53 -16.48 -4.10
C GLY B 167 28.21 -15.23 -3.29
N LEU B 168 28.54 -14.08 -3.88
CA LEU B 168 28.24 -12.79 -3.28
C LEU B 168 26.74 -12.52 -3.27
N VAL B 169 26.26 -12.02 -2.15
CA VAL B 169 24.84 -11.72 -1.97
C VAL B 169 24.72 -10.25 -1.59
N THR B 170 23.82 -9.54 -2.28
CA THR B 170 23.54 -8.14 -2.00
C THR B 170 22.04 -7.95 -1.94
N TYR B 171 21.63 -6.77 -1.48
CA TYR B 171 20.26 -6.31 -1.54
C TYR B 171 20.30 -4.91 -2.15
N ASN B 172 19.33 -4.60 -3.01
CA ASN B 172 19.31 -3.38 -3.82
C ASN B 172 18.28 -2.43 -3.22
N THR B 173 18.74 -1.43 -2.47
CA THR B 173 17.81 -0.47 -1.89
C THR B 173 17.45 0.61 -2.92
N ASP B 174 16.43 1.40 -2.60
CA ASP B 174 16.04 2.52 -3.45
C ASP B 174 16.93 3.73 -3.19
N LYS B 175 16.86 4.68 -4.10
CA LYS B 175 17.47 6.00 -3.94
C LYS B 175 17.13 6.58 -2.57
N TYR B 176 18.15 7.15 -1.91
CA TYR B 176 18.04 7.88 -0.63
C TYR B 176 17.82 6.96 0.56
N GLN B 177 17.71 5.64 0.36
CA GLN B 177 17.44 4.70 1.44
C GLN B 177 18.68 3.89 1.85
N GLU B 178 19.87 4.32 1.42
CA GLU B 178 21.06 3.50 1.67
C GLU B 178 21.27 3.23 3.16
N ASP B 179 20.78 4.12 4.03
CA ASP B 179 20.81 3.91 5.48
C ASP B 179 19.46 3.48 6.06
N ASN B 180 18.42 3.34 5.24
CA ASN B 180 17.21 2.68 5.71
C ASN B 180 17.48 1.24 6.10
N VAL B 181 18.39 0.58 5.42
CA VAL B 181 18.63 -0.85 5.62
C VAL B 181 19.46 -1.04 6.88
N LYS B 182 18.91 -1.79 7.84
CA LYS B 182 19.60 -2.10 9.08
C LYS B 182 20.24 -3.47 9.08
N PHE B 183 20.23 -4.18 7.94
CA PHE B 183 20.76 -5.53 7.89
C PHE B 183 21.90 -5.69 6.88
N TRP B 184 22.60 -4.60 6.56
CA TRP B 184 23.77 -4.69 5.69
C TRP B 184 24.80 -5.69 6.21
N ASP B 185 24.88 -5.87 7.52
CA ASP B 185 25.86 -6.80 8.09
C ASP B 185 25.66 -8.23 7.59
N ALA B 186 24.44 -8.60 7.22
CA ALA B 186 24.18 -9.95 6.73
C ALA B 186 24.52 -10.13 5.25
N LEU B 187 24.99 -9.09 4.56
CA LEU B 187 25.22 -9.14 3.13
C LEU B 187 26.69 -8.89 2.82
N ASP B 188 27.12 -9.30 1.63
CA ASP B 188 28.50 -9.13 1.23
C ASP B 188 28.74 -7.83 0.50
N VAL B 189 27.71 -7.25 -0.13
CA VAL B 189 27.83 -6.01 -0.90
C VAL B 189 26.66 -5.09 -0.58
N ILE B 190 26.93 -3.79 -0.51
CA ILE B 190 25.88 -2.78 -0.41
C ILE B 190 25.58 -2.24 -1.81
N SER B 191 24.29 -2.08 -2.12
CA SER B 191 23.92 -1.65 -3.46
C SER B 191 22.62 -0.86 -3.41
N SER B 192 22.50 0.11 -4.31
CA SER B 192 21.32 0.96 -4.34
C SER B 192 21.01 1.36 -5.76
N SER B 193 19.79 1.86 -5.95
CA SER B 193 19.34 2.40 -7.21
C SER B 193 19.75 3.87 -7.25
N GLY B 194 20.92 4.14 -7.83
CA GLY B 194 21.47 5.49 -7.86
C GLY B 194 20.82 6.46 -8.84
N TYR B 195 19.53 6.71 -8.68
CA TYR B 195 18.77 7.61 -9.54
C TYR B 195 18.82 9.02 -8.94
N TYR B 196 19.97 9.65 -9.08
CA TYR B 196 20.09 10.93 -8.42
C TYR B 196 20.07 12.07 -9.44
N PRO B 197 19.49 13.21 -9.06
CA PRO B 197 19.42 14.36 -9.97
C PRO B 197 20.79 14.77 -10.47
N ILE B 198 20.82 15.16 -11.75
CA ILE B 198 22.07 15.56 -12.40
C ILE B 198 22.76 16.72 -11.66
N ASN B 199 22.00 17.50 -10.88
CA ASN B 199 22.54 18.66 -10.18
C ASN B 199 22.74 18.43 -8.68
N ASP B 200 22.74 17.16 -8.21
CA ASP B 200 22.80 16.96 -6.76
C ASP B 200 23.69 15.78 -6.36
N TRP B 201 24.68 15.45 -7.18
CA TRP B 201 25.55 14.31 -6.88
C TRP B 201 26.42 14.55 -5.65
N ASP B 202 27.01 15.74 -5.54
CA ASP B 202 27.92 16.05 -4.43
C ASP B 202 27.32 15.70 -3.07
N ARG B 203 26.13 16.23 -2.79
CA ARG B 203 25.55 16.03 -1.46
C ARG B 203 25.01 14.62 -1.28
N GLN B 204 24.61 13.95 -2.37
CA GLN B 204 24.14 12.58 -2.22
C GLN B 204 25.31 11.62 -2.06
N LEU B 205 26.34 11.79 -2.88
CA LEU B 205 27.56 11.01 -2.70
C LEU B 205 28.12 11.22 -1.30
N ASP B 206 28.07 12.46 -0.79
CA ASP B 206 28.54 12.73 0.57
C ASP B 206 27.74 11.91 1.60
N ARG B 207 26.40 11.94 1.49
CA ARG B 207 25.57 11.18 2.42
C ARG B 207 25.87 9.68 2.34
N ILE B 208 25.93 9.15 1.12
CA ILE B 208 26.14 7.72 0.95
C ILE B 208 27.52 7.31 1.43
N GLU B 209 28.53 8.15 1.16
CA GLU B 209 29.90 7.87 1.57
C GLU B 209 30.00 7.64 3.07
N ALA B 210 29.31 8.47 3.88
CA ALA B 210 29.38 8.29 5.34
C ALA B 210 28.80 6.94 5.76
N VAL B 211 27.71 6.51 5.12
CA VAL B 211 27.15 5.19 5.41
C VAL B 211 28.12 4.08 5.02
N VAL B 212 28.67 4.15 3.81
CA VAL B 212 29.49 3.06 3.29
C VAL B 212 30.78 2.93 4.09
N LYS B 213 31.32 4.04 4.61
CA LYS B 213 32.54 3.96 5.40
C LYS B 213 32.33 3.17 6.69
N GLN B 214 31.12 3.21 7.22
CA GLN B 214 30.80 2.50 8.46
C GLN B 214 30.92 0.99 8.28
N TYR B 215 30.60 0.50 7.09
CA TYR B 215 30.67 -0.93 6.82
C TYR B 215 31.96 -1.29 6.10
N ASP B 216 32.41 -2.53 6.27
CA ASP B 216 33.64 -3.00 5.64
C ASP B 216 33.36 -3.78 4.37
N LYS B 217 32.33 -3.39 3.64
CA LYS B 217 31.96 -4.06 2.41
C LYS B 217 31.96 -3.11 1.23
N PRO B 218 32.11 -3.65 0.03
CA PRO B 218 32.12 -2.85 -1.19
C PRO B 218 30.72 -2.35 -1.55
N PHE B 219 30.65 -1.26 -2.30
CA PHE B 219 29.38 -0.69 -2.71
C PHE B 219 29.39 -0.53 -4.22
N PHE B 220 28.22 -0.69 -4.84
CA PHE B 220 28.03 -0.25 -6.22
C PHE B 220 26.57 0.10 -6.45
N PHE B 221 26.33 0.84 -7.55
CA PHE B 221 25.00 1.29 -7.95
C PHE B 221 24.43 0.24 -8.89
N VAL B 222 23.73 -0.75 -8.32
CA VAL B 222 23.30 -1.89 -9.10
C VAL B 222 22.20 -1.51 -10.10
N ALA B 223 21.59 -0.34 -9.94
CA ALA B 223 20.74 0.23 -10.96
C ALA B 223 21.05 1.73 -11.10
N ALA B 224 21.25 2.19 -12.33
CA ALA B 224 21.49 3.60 -12.63
C ALA B 224 21.19 3.83 -14.11
N GLY B 225 20.65 5.00 -14.43
CA GLY B 225 20.42 5.33 -15.83
C GLY B 225 19.49 6.52 -15.99
N CYS B 226 19.15 6.79 -17.25
CA CYS B 226 18.35 7.96 -17.57
C CYS B 226 17.66 7.84 -18.93
N PRO B 227 16.33 8.05 -18.99
CA PRO B 227 15.66 8.11 -20.30
C PRO B 227 16.14 9.29 -21.13
N SER B 228 16.16 9.12 -22.46
CA SER B 228 16.51 10.22 -23.37
C SER B 228 15.28 11.12 -23.51
N ARG B 229 15.07 11.97 -22.51
CA ARG B 229 13.80 12.64 -22.39
C ARG B 229 13.95 13.91 -21.56
N SER B 230 13.33 14.99 -22.03
CA SER B 230 13.46 16.29 -21.38
C SER B 230 12.82 16.28 -20.02
N GLY B 231 13.60 16.67 -19.00
CA GLY B 231 13.20 16.60 -17.62
C GLY B 231 13.73 15.40 -16.88
N SER B 232 14.06 14.32 -17.59
CA SER B 232 14.46 13.08 -16.90
C SER B 232 15.75 13.28 -16.11
N ALA B 233 16.69 14.08 -16.63
CA ALA B 233 17.95 14.33 -15.91
C ALA B 233 17.73 14.85 -14.50
N LEU B 234 16.58 15.45 -14.21
CA LEU B 234 16.26 15.85 -12.84
C LEU B 234 15.62 14.72 -12.04
N LEU B 235 14.89 13.82 -12.69
CA LEU B 235 14.19 12.72 -12.01
C LEU B 235 14.39 11.45 -12.82
N PRO B 236 15.61 10.90 -12.82
CA PRO B 236 15.93 9.81 -13.76
C PRO B 236 15.24 8.49 -13.43
N ASN B 237 14.61 8.36 -12.26
CA ASN B 237 13.87 7.15 -11.90
C ASN B 237 12.45 7.15 -12.45
N LYS B 238 11.93 8.30 -12.84
CA LYS B 238 10.53 8.47 -13.22
C LYS B 238 10.35 7.98 -14.65
N TRP B 239 10.00 6.69 -14.79
CA TRP B 239 9.94 6.09 -16.12
C TRP B 239 8.72 6.56 -16.90
N ASP B 240 7.69 7.09 -16.23
CA ASP B 240 6.50 7.64 -16.90
C ASP B 240 6.49 9.18 -16.94
N LEU B 241 7.66 9.82 -16.84
CA LEU B 241 7.71 11.27 -16.85
C LEU B 241 7.37 11.80 -18.24
N GLU B 242 6.48 12.79 -18.31
CA GLU B 242 6.12 13.40 -19.58
C GLU B 242 7.21 14.34 -20.05
N GLY B 243 7.68 14.15 -21.28
CA GLY B 243 8.69 15.04 -21.83
C GLY B 243 9.03 14.66 -23.26
N ALA B 244 9.52 15.65 -24.00
CA ALA B 244 9.91 15.49 -25.39
C ALA B 244 11.22 14.72 -25.49
N ILE B 245 11.42 14.05 -26.63
CA ILE B 245 12.66 13.32 -26.86
C ILE B 245 13.85 14.26 -26.71
N ASN B 246 14.91 13.74 -26.10
CA ASN B 246 16.10 14.56 -25.83
C ASN B 246 17.24 13.58 -25.58
N LEU B 247 17.88 13.14 -26.68
CA LEU B 247 19.01 12.23 -26.58
C LEU B 247 20.18 12.88 -25.85
N GLN B 248 20.43 14.17 -26.12
CA GLN B 248 21.54 14.86 -25.49
C GLN B 248 21.40 14.88 -23.97
N GLU B 249 20.18 15.02 -23.46
CA GLU B 249 20.02 15.10 -22.01
C GLU B 249 20.43 13.79 -21.35
N GLN B 250 20.08 12.65 -21.96
CA GLN B 250 20.57 11.36 -21.47
C GLN B 250 22.09 11.33 -21.42
N ALA B 251 22.74 11.75 -22.51
CA ALA B 251 24.19 11.72 -22.59
C ALA B 251 24.82 12.68 -21.58
N ASP B 252 24.22 13.86 -21.37
CA ASP B 252 24.70 14.77 -20.34
C ASP B 252 24.57 14.13 -18.97
N TYR B 253 23.45 13.44 -18.72
CA TYR B 253 23.26 12.79 -17.43
C TYR B 253 24.36 11.76 -17.18
N TYR B 254 24.64 10.92 -18.17
CA TYR B 254 25.69 9.92 -18.02
C TYR B 254 27.05 10.57 -17.81
N GLN B 255 27.36 11.60 -18.61
CA GLN B 255 28.66 12.24 -18.50
C GLN B 255 28.89 12.82 -17.11
N VAL B 256 27.90 13.55 -16.56
CA VAL B 256 28.05 14.09 -15.22
C VAL B 256 28.14 12.97 -14.19
N MET B 257 27.32 11.93 -14.31
CA MET B 257 27.34 10.83 -13.34
C MET B 257 28.73 10.22 -13.24
N PHE B 258 29.36 9.94 -14.38
CA PHE B 258 30.68 9.31 -14.32
C PHE B 258 31.75 10.28 -13.81
N GLU B 259 31.70 11.55 -14.23
CA GLU B 259 32.54 12.59 -13.64
C GLU B 259 32.46 12.57 -12.12
N LYS B 260 31.23 12.57 -11.58
CA LYS B 260 31.04 12.72 -10.15
C LYS B 260 31.48 11.47 -9.39
N THR B 261 31.23 10.28 -9.95
CA THR B 261 31.55 9.07 -9.21
C THR B 261 32.97 8.59 -9.44
N ALA B 262 33.59 8.94 -10.58
CA ALA B 262 34.97 8.53 -10.81
C ALA B 262 35.88 8.97 -9.66
N SER B 263 35.57 10.10 -9.03
CA SER B 263 36.31 10.65 -7.90
C SER B 263 36.11 9.89 -6.58
N ARG B 264 35.16 8.96 -6.50
CA ARG B 264 34.86 8.26 -5.26
C ARG B 264 35.34 6.83 -5.39
N SER B 265 36.48 6.54 -4.75
CA SER B 265 37.05 5.19 -4.73
C SER B 265 36.06 4.14 -4.24
N TRP B 266 35.05 4.53 -3.47
CA TRP B 266 34.09 3.57 -2.96
C TRP B 266 32.93 3.28 -3.92
N VAL B 267 32.78 4.05 -5.00
CA VAL B 267 31.74 3.74 -5.98
C VAL B 267 32.31 2.61 -6.85
N GLY B 268 31.88 1.38 -6.58
CA GLY B 268 32.45 0.20 -7.17
C GLY B 268 31.84 -0.27 -8.48
N GLY B 269 30.99 0.54 -9.12
CA GLY B 269 30.50 0.20 -10.44
C GLY B 269 29.01 0.46 -10.58
N PHE B 270 28.44 -0.14 -11.64
CA PHE B 270 27.12 0.20 -12.13
C PHE B 270 26.47 -1.03 -12.77
N GLY B 271 25.15 -1.14 -12.62
CA GLY B 271 24.33 -1.97 -13.49
C GLY B 271 23.38 -1.07 -14.28
N LEU B 272 23.86 -0.52 -15.39
CA LEU B 272 23.13 0.54 -16.05
C LEU B 272 21.73 0.07 -16.45
N TRP B 273 20.74 0.93 -16.22
CA TRP B 273 19.37 0.48 -16.40
C TRP B 273 18.94 0.72 -17.84
N ASP B 274 18.04 -0.15 -18.28
CA ASP B 274 18.34 -1.30 -19.13
C ASP B 274 18.67 -1.30 -20.62
N TRP B 275 19.01 -2.51 -21.01
CA TRP B 275 19.23 -2.95 -22.38
C TRP B 275 18.19 -4.03 -22.61
N GLN B 276 17.20 -3.75 -23.45
CA GLN B 276 16.06 -4.66 -23.49
C GLN B 276 16.38 -5.92 -24.29
N THR B 277 15.73 -7.02 -23.91
CA THR B 277 15.90 -8.28 -24.62
C THR B 277 15.55 -8.14 -26.09
N TYR B 278 14.36 -7.63 -26.38
CA TYR B 278 13.92 -7.35 -27.74
C TYR B 278 14.27 -5.89 -28.03
N LEU B 279 15.48 -5.69 -28.56
CA LEU B 279 16.01 -4.36 -28.80
C LEU B 279 15.34 -3.70 -30.00
N TYR B 280 15.15 -2.39 -29.91
CA TYR B 280 14.54 -1.66 -31.01
C TYR B 280 15.51 -1.59 -32.20
N ASP B 281 14.97 -1.28 -33.38
CA ASP B 281 15.84 -1.09 -34.55
C ASP B 281 16.78 0.08 -34.32
N GLU B 282 18.04 -0.11 -34.72
CA GLU B 282 19.00 1.00 -34.55
C GLU B 282 18.56 2.23 -35.34
N LYS B 283 17.87 2.04 -36.46
CA LYS B 283 17.35 3.17 -37.22
C LYS B 283 16.29 3.96 -36.46
N ASP B 284 15.73 3.41 -35.38
CA ASP B 284 14.73 4.10 -34.57
C ASP B 284 15.30 4.69 -33.28
N ALA B 285 16.62 4.60 -33.08
CA ALA B 285 17.22 5.06 -31.82
C ALA B 285 16.92 6.53 -31.58
N THR B 286 17.03 7.37 -32.62
CA THR B 286 16.88 8.81 -32.43
C THR B 286 15.44 9.24 -32.15
N LYS B 287 14.46 8.34 -32.33
CA LYS B 287 13.09 8.64 -31.90
C LYS B 287 12.70 7.94 -30.60
N ASN B 288 13.63 7.24 -29.94
CA ASN B 288 13.31 6.46 -28.73
C ASN B 288 13.56 7.30 -27.47
N ASP B 289 12.51 7.51 -26.67
CA ASP B 289 12.64 8.31 -25.47
C ASP B 289 12.81 7.48 -24.20
N ASP B 290 13.28 6.23 -24.30
CA ASP B 290 13.32 5.28 -23.20
C ASP B 290 14.70 5.26 -22.55
N TYR B 291 14.89 4.33 -21.60
CA TYR B 291 16.16 4.21 -20.88
C TYR B 291 17.29 3.71 -21.76
N GLY B 292 16.95 2.92 -22.78
CA GLY B 292 17.92 2.29 -23.66
C GLY B 292 18.95 3.26 -24.18
N VAL B 293 20.12 2.74 -24.52
CA VAL B 293 21.23 3.57 -24.95
C VAL B 293 21.71 3.22 -26.35
N PHE B 294 21.18 2.13 -26.93
CA PHE B 294 21.59 1.65 -28.24
C PHE B 294 21.36 2.69 -29.33
N GLY B 295 22.40 2.99 -30.08
CA GLY B 295 22.28 3.93 -31.19
C GLY B 295 22.24 5.39 -30.82
N LYS B 296 22.49 5.72 -29.56
CA LYS B 296 22.32 7.05 -28.99
C LYS B 296 23.65 7.60 -28.52
N PRO B 297 23.75 8.92 -28.33
CA PRO B 297 25.06 9.49 -27.90
C PRO B 297 25.55 8.96 -26.56
N ALA B 298 24.64 8.69 -25.62
CA ALA B 298 25.08 8.13 -24.35
C ALA B 298 25.74 6.74 -24.52
N GLU B 299 25.41 6.01 -25.60
CA GLU B 299 26.06 4.73 -25.86
C GLU B 299 27.58 4.87 -25.82
N ARG B 300 28.10 5.94 -26.42
CA ARG B 300 29.54 6.13 -26.56
C ARG B 300 30.17 6.70 -25.30
N VAL B 301 29.44 7.58 -24.59
CA VAL B 301 29.89 8.03 -23.29
C VAL B 301 30.14 6.84 -22.36
N ILE B 302 29.26 5.84 -22.42
CA ILE B 302 29.40 4.67 -21.55
C ILE B 302 30.61 3.85 -21.97
N LYS B 303 30.73 3.57 -23.28
CA LYS B 303 31.82 2.72 -23.76
C LYS B 303 33.16 3.34 -23.45
N ALA B 304 33.28 4.65 -23.69
CA ALA B 304 34.47 5.40 -23.31
C ALA B 304 34.77 5.22 -21.84
N TYR B 305 33.80 5.50 -20.97
CA TYR B 305 34.08 5.44 -19.55
C TYR B 305 34.38 4.01 -19.10
N TYR B 306 33.65 3.03 -19.64
CA TYR B 306 33.91 1.65 -19.23
C TYR B 306 35.27 1.15 -19.73
N GLN B 307 35.79 1.74 -20.82
CA GLN B 307 37.04 1.29 -21.40
C GLN B 307 38.26 1.95 -20.79
N SER B 308 38.12 3.17 -20.27
CA SER B 308 38.96 3.58 -19.17
C SER B 308 38.60 2.72 -17.96
N ARG B 309 39.45 2.73 -16.95
CA ARG B 309 39.25 1.86 -15.78
C ARG B 309 38.66 0.46 -16.04
#